data_2G70
#
_entry.id   2G70
#
_cell.length_a   94.240
_cell.length_b   94.240
_cell.length_c   187.810
_cell.angle_alpha   90.00
_cell.angle_beta   90.00
_cell.angle_gamma   90.00
#
_symmetry.space_group_name_H-M   'P 43 21 2'
#
loop_
_entity.id
_entity.type
_entity.pdbx_description
1 polymer 'Phenylethanolamine N-methyltransferase'
2 non-polymer S-ADENOSYLMETHIONINE
3 non-polymer [(3R)-7-NITRO-1,2,3,4-TETRAHYDROISOQUINOLIN-3-YL]METHANOL
4 non-polymer 'PHOSPHATE ION'
5 water water
#
_entity_poly.entity_id   1
_entity_poly.type   'polypeptide(L)'
_entity_poly.pdbx_seq_one_letter_code
;MSGADRSPNAGAAPDSAPGQAAVASAYQRFEPRAYLRNNYAPPRGDLCNPNGVGPWKLRCLAQTFATGEVSGRTLIDIGS
GPTVYQLLSACSHFEDITMTDFLEVNRQELGRWLQEEPGAFNWSMYSQHACLIEGKGECWQDKERQLRARVKRVLPIDVH
QPQPLGAGSPAPLPADALVSAFCLEAVSPDLASFQRALDHITTLLRPGGHLLLIGALEESWYLAGEARLTVVPVSEEEVR
EALVRSGYKVRDLRTYIMPAHLQTGVDDVKGVFFAWAQKVGLEHHHHHH
;
_entity_poly.pdbx_strand_id   A,B
#
loop_
_chem_comp.id
_chem_comp.type
_chem_comp.name
_chem_comp.formula
HNT non-polymer [(3R)-7-NITRO-1,2,3,4-TETRAHYDROISOQUINOLIN-3-YL]METHANOL 'C10 H12 N2 O3'
PO4 non-polymer 'PHOSPHATE ION' 'O4 P -3'
SAM non-polymer S-ADENOSYLMETHIONINE 'C15 H22 N6 O5 S'
#
# COMPACT_ATOMS: atom_id res chain seq x y z
N GLN A 20 17.08 34.00 20.81
CA GLN A 20 16.03 33.40 19.94
C GLN A 20 15.33 34.45 19.09
N ALA A 21 15.74 35.70 19.25
CA ALA A 21 15.13 36.79 18.48
C ALA A 21 15.31 36.49 17.00
N ALA A 22 16.57 36.24 16.62
CA ALA A 22 16.95 35.93 15.24
C ALA A 22 16.18 34.73 14.71
N VAL A 23 16.12 33.67 15.52
CA VAL A 23 15.42 32.44 15.15
C VAL A 23 13.98 32.72 14.72
N ALA A 24 13.14 33.14 15.67
CA ALA A 24 11.75 33.43 15.38
C ALA A 24 11.61 34.40 14.19
N SER A 25 12.63 35.22 13.99
CA SER A 25 12.62 36.21 12.91
C SER A 25 12.88 35.58 11.54
N ALA A 26 13.61 34.46 11.53
CA ALA A 26 13.92 33.79 10.28
C ALA A 26 12.73 32.97 9.79
N TYR A 27 12.03 32.33 10.72
CA TYR A 27 10.88 31.50 10.36
C TYR A 27 9.68 32.29 9.81
N GLN A 28 9.81 33.62 9.77
CA GLN A 28 8.72 34.44 9.27
C GLN A 28 8.64 34.29 7.76
N ARG A 29 9.72 33.82 7.17
CA ARG A 29 9.76 33.65 5.72
C ARG A 29 9.59 32.17 5.33
N PHE A 30 9.60 31.29 6.34
CA PHE A 30 9.44 29.85 6.16
C PHE A 30 8.22 29.53 5.32
N GLU A 31 8.42 28.81 4.21
CA GLU A 31 7.32 28.44 3.31
C GLU A 31 7.04 26.94 3.39
N PRO A 32 5.83 26.56 3.82
CA PRO A 32 5.49 25.15 3.93
C PRO A 32 5.69 24.32 2.67
N ARG A 33 5.01 24.68 1.58
CA ARG A 33 5.12 23.94 0.31
C ARG A 33 6.55 23.62 -0.14
N ALA A 34 7.48 24.55 0.08
CA ALA A 34 8.88 24.37 -0.32
C ALA A 34 9.56 23.37 0.61
N TYR A 35 9.27 23.48 1.90
CA TYR A 35 9.84 22.59 2.88
C TYR A 35 9.42 21.15 2.56
N LEU A 36 8.14 20.96 2.23
CA LEU A 36 7.61 19.65 1.90
C LEU A 36 8.26 19.10 0.64
N ARG A 37 8.39 19.97 -0.35
CA ARG A 37 9.02 19.62 -1.62
C ARG A 37 10.52 19.28 -1.43
N ASN A 38 11.15 19.90 -0.43
CA ASN A 38 12.58 19.68 -0.17
C ASN A 38 12.92 18.44 0.63
N ASN A 39 12.00 18.00 1.49
CA ASN A 39 12.24 16.86 2.35
C ASN A 39 11.28 15.70 2.22
N TYR A 40 10.17 15.89 1.53
CA TYR A 40 9.23 14.79 1.44
C TYR A 40 8.73 14.48 0.05
N ALA A 41 9.49 14.94 -0.92
CA ALA A 41 9.19 14.62 -2.31
C ALA A 41 10.49 13.91 -2.71
N PRO A 42 10.51 13.22 -3.85
CA PRO A 42 11.73 12.54 -4.26
C PRO A 42 12.91 13.49 -4.42
N PRO A 43 14.13 13.02 -4.16
CA PRO A 43 14.50 11.66 -3.74
C PRO A 43 14.24 11.31 -2.26
N ARG A 44 14.37 12.28 -1.36
CA ARG A 44 14.13 12.00 0.06
C ARG A 44 12.73 11.46 0.32
N GLY A 45 11.79 11.80 -0.55
CA GLY A 45 10.44 11.35 -0.36
C GLY A 45 10.08 10.09 -1.11
N ASP A 46 11.10 9.35 -1.53
CA ASP A 46 10.86 8.10 -2.24
C ASP A 46 10.91 7.01 -1.20
N LEU A 47 9.89 6.16 -1.17
CA LEU A 47 9.87 5.09 -0.19
C LEU A 47 10.09 3.69 -0.76
N CYS A 48 10.34 3.60 -2.06
CA CYS A 48 10.58 2.33 -2.69
C CYS A 48 11.93 1.75 -2.30
N ASN A 49 12.92 2.61 -2.07
CA ASN A 49 14.24 2.17 -1.66
C ASN A 49 14.24 1.98 -0.13
N PRO A 50 14.50 0.75 0.33
CA PRO A 50 14.54 0.37 1.76
C PRO A 50 15.57 1.13 2.56
N ASN A 51 16.66 1.53 1.91
CA ASN A 51 17.71 2.27 2.61
C ASN A 51 17.46 3.76 2.67
N GLY A 52 16.33 4.19 2.10
CA GLY A 52 16.00 5.59 2.10
C GLY A 52 15.71 6.07 3.50
N VAL A 53 15.84 7.38 3.71
CA VAL A 53 15.63 7.97 5.01
C VAL A 53 14.15 7.89 5.48
N GLY A 54 13.21 7.91 4.54
CA GLY A 54 11.81 7.82 4.94
C GLY A 54 11.48 6.46 5.54
N PRO A 55 11.83 5.37 4.84
CA PRO A 55 11.55 4.03 5.37
C PRO A 55 12.19 3.87 6.74
N TRP A 56 13.41 4.37 6.87
CA TRP A 56 14.15 4.29 8.12
C TRP A 56 13.36 4.95 9.25
N LYS A 57 12.87 6.17 9.03
CA LYS A 57 12.10 6.86 10.05
C LYS A 57 10.82 6.08 10.38
N LEU A 58 10.06 5.68 9.36
CA LEU A 58 8.82 4.93 9.60
C LEU A 58 9.10 3.62 10.34
N ARG A 59 10.19 2.95 9.97
CA ARG A 59 10.57 1.71 10.64
C ARG A 59 10.83 1.98 12.11
N CYS A 60 11.45 3.12 12.39
CA CYS A 60 11.78 3.45 13.78
C CYS A 60 10.54 3.60 14.62
N LEU A 61 9.59 4.39 14.12
CA LEU A 61 8.37 4.62 14.85
C LEU A 61 7.55 3.32 14.92
N ALA A 62 7.41 2.65 13.78
CA ALA A 62 6.65 1.40 13.74
C ALA A 62 7.19 0.41 14.77
N GLN A 63 8.48 0.11 14.65
CA GLN A 63 9.15 -0.81 15.55
C GLN A 63 8.92 -0.46 17.02
N THR A 64 9.16 0.79 17.39
CA THR A 64 8.97 1.18 18.78
C THR A 64 7.56 0.86 19.25
N PHE A 65 6.56 1.43 18.58
CA PHE A 65 5.17 1.16 18.95
C PHE A 65 4.84 -0.32 18.87
N ALA A 66 5.52 -1.03 17.99
CA ALA A 66 5.28 -2.46 17.81
C ALA A 66 5.54 -3.21 19.11
N THR A 67 6.36 -2.65 20.00
CA THR A 67 6.65 -3.31 21.27
C THR A 67 5.43 -3.25 22.16
N GLY A 68 4.50 -2.36 21.80
CA GLY A 68 3.29 -2.21 22.57
C GLY A 68 3.55 -1.62 23.96
N GLU A 69 4.82 -1.31 24.23
CA GLU A 69 5.19 -0.75 25.52
C GLU A 69 5.18 0.78 25.56
N VAL A 70 4.38 1.38 24.68
CA VAL A 70 4.23 2.84 24.62
C VAL A 70 2.75 3.01 24.35
N SER A 71 1.99 3.29 25.42
CA SER A 71 0.53 3.41 25.28
C SER A 71 -0.14 4.44 26.18
N GLY A 72 -1.35 4.85 25.77
CA GLY A 72 -2.06 5.84 26.57
C GLY A 72 -3.28 6.48 25.94
N ARG A 73 -3.72 7.56 26.58
CA ARG A 73 -4.87 8.33 26.18
C ARG A 73 -4.54 9.46 25.22
N THR A 74 -3.81 10.43 25.76
CA THR A 74 -3.45 11.62 24.99
C THR A 74 -1.99 11.62 24.55
N LEU A 75 -1.75 12.27 23.42
CA LEU A 75 -0.42 12.39 22.86
C LEU A 75 -0.25 13.76 22.21
N ILE A 76 0.91 14.35 22.42
CA ILE A 76 1.20 15.65 21.84
C ILE A 76 2.42 15.58 20.93
N ASP A 77 2.27 16.18 19.76
CA ASP A 77 3.32 16.24 18.76
C ASP A 77 3.93 17.64 18.85
N ILE A 78 5.18 17.71 19.30
CA ILE A 78 5.88 19.00 19.44
C ILE A 78 6.55 19.43 18.13
N GLY A 79 6.25 20.65 17.69
CA GLY A 79 6.84 21.14 16.47
C GLY A 79 6.51 20.20 15.32
N SER A 80 5.28 20.30 14.83
CA SER A 80 4.80 19.45 13.76
C SER A 80 5.10 19.97 12.36
N GLY A 81 5.07 21.28 12.20
CA GLY A 81 5.30 21.85 10.89
C GLY A 81 4.17 21.39 9.98
N PRO A 82 4.43 21.21 8.67
CA PRO A 82 3.36 20.77 7.76
C PRO A 82 3.31 19.25 7.54
N THR A 83 4.00 18.48 8.38
CA THR A 83 4.04 17.02 8.23
C THR A 83 3.20 16.20 9.22
N VAL A 84 2.76 15.03 8.77
CA VAL A 84 1.97 14.14 9.60
C VAL A 84 2.60 12.74 9.69
N TYR A 85 3.43 12.42 8.70
CA TYR A 85 4.07 11.10 8.65
C TYR A 85 4.54 10.61 10.02
N GLN A 86 5.03 11.52 10.85
CA GLN A 86 5.53 11.17 12.18
C GLN A 86 4.48 10.61 13.15
N LEU A 87 3.22 10.58 12.72
CA LEU A 87 2.15 10.07 13.59
C LEU A 87 1.38 8.90 12.99
N LEU A 88 1.76 8.49 11.78
CA LEU A 88 1.08 7.38 11.09
C LEU A 88 1.05 6.07 11.89
N SER A 89 2.12 5.79 12.63
CA SER A 89 2.19 4.57 13.45
C SER A 89 1.58 4.82 14.81
N ALA A 90 1.95 5.93 15.43
CA ALA A 90 1.45 6.28 16.74
C ALA A 90 -0.05 6.45 16.77
N CYS A 91 -0.60 7.12 15.76
CA CYS A 91 -2.05 7.38 15.74
C CYS A 91 -2.93 6.17 16.03
N SER A 92 -2.33 4.98 16.13
CA SER A 92 -3.13 3.79 16.41
C SER A 92 -2.97 3.33 17.86
N HIS A 93 -2.34 4.17 18.69
CA HIS A 93 -2.14 3.83 20.09
C HIS A 93 -2.59 4.95 21.01
N PHE A 94 -3.04 6.07 20.44
CA PHE A 94 -3.49 7.21 21.22
C PHE A 94 -4.75 7.88 20.65
N GLU A 95 -5.84 7.83 21.42
CA GLU A 95 -7.11 8.41 21.00
C GLU A 95 -7.08 9.92 20.94
N ASP A 96 -6.42 10.54 21.92
CA ASP A 96 -6.33 12.00 21.96
C ASP A 96 -4.96 12.48 21.47
N ILE A 97 -4.93 12.99 20.25
CA ILE A 97 -3.68 13.47 19.69
C ILE A 97 -3.68 14.98 19.48
N THR A 98 -2.67 15.63 20.04
CA THR A 98 -2.51 17.08 19.94
C THR A 98 -1.30 17.46 19.06
N MET A 99 -1.59 18.11 17.93
CA MET A 99 -0.53 18.55 17.03
C MET A 99 -0.25 20.03 17.24
N THR A 100 1.01 20.43 17.12
CA THR A 100 1.40 21.82 17.36
C THR A 100 2.45 22.38 16.43
N ASP A 101 2.55 23.71 16.42
CA ASP A 101 3.54 24.42 15.62
C ASP A 101 3.48 25.93 15.83
N PHE A 102 4.65 26.56 15.77
CA PHE A 102 4.82 28.00 15.97
C PHE A 102 4.23 28.90 14.91
N LEU A 103 4.07 28.42 13.68
CA LEU A 103 3.55 29.26 12.62
C LEU A 103 2.17 28.89 12.13
N GLU A 104 1.29 29.87 12.10
CA GLU A 104 -0.07 29.66 11.62
C GLU A 104 0.04 29.01 10.24
N VAL A 105 0.96 29.50 9.41
CA VAL A 105 1.14 28.98 8.07
C VAL A 105 1.26 27.45 8.04
N ASN A 106 1.94 26.88 9.04
CA ASN A 106 2.09 25.44 9.10
C ASN A 106 0.79 24.81 9.60
N ARG A 107 0.16 25.46 10.57
CA ARG A 107 -1.09 24.98 11.12
C ARG A 107 -2.19 25.05 10.07
N GLN A 108 -2.02 25.90 9.06
CA GLN A 108 -3.01 26.00 8.02
C GLN A 108 -2.80 24.86 7.04
N GLU A 109 -1.53 24.58 6.73
CA GLU A 109 -1.20 23.48 5.84
C GLU A 109 -1.65 22.18 6.49
N LEU A 110 -1.30 21.97 7.76
CA LEU A 110 -1.72 20.78 8.48
C LEU A 110 -3.23 20.65 8.35
N GLY A 111 -3.93 21.72 8.73
CA GLY A 111 -5.38 21.73 8.65
C GLY A 111 -5.85 21.39 7.26
N ARG A 112 -5.18 21.95 6.26
CA ARG A 112 -5.55 21.69 4.87
C ARG A 112 -5.53 20.19 4.57
N TRP A 113 -4.69 19.43 5.28
CA TRP A 113 -4.63 17.98 5.06
C TRP A 113 -5.66 17.27 5.92
N LEU A 114 -5.78 17.70 7.18
CA LEU A 114 -6.73 17.12 8.10
C LEU A 114 -8.17 17.22 7.60
N GLN A 115 -8.61 18.43 7.21
CA GLN A 115 -9.97 18.61 6.74
C GLN A 115 -10.11 18.23 5.28
N GLU A 116 -9.12 17.52 4.75
CA GLU A 116 -9.13 17.09 3.35
C GLU A 116 -9.52 18.20 2.36
N GLU A 117 -8.92 19.38 2.53
CA GLU A 117 -9.19 20.51 1.66
C GLU A 117 -8.40 20.47 0.37
N PRO A 118 -8.64 21.43 -0.55
CA PRO A 118 -7.91 21.45 -1.82
C PRO A 118 -6.48 21.95 -1.58
N GLY A 119 -5.52 21.35 -2.29
CA GLY A 119 -4.13 21.76 -2.14
C GLY A 119 -3.45 21.08 -0.97
N ALA A 120 -4.04 19.98 -0.49
CA ALA A 120 -3.45 19.24 0.62
C ALA A 120 -2.29 18.44 0.06
N PHE A 121 -1.21 18.36 0.84
CA PHE A 121 -0.05 17.61 0.43
C PHE A 121 -0.46 16.15 0.31
N ASN A 122 0.23 15.39 -0.53
CA ASN A 122 -0.09 13.98 -0.69
C ASN A 122 0.85 13.05 0.10
N TRP A 123 0.40 12.63 1.28
CA TRP A 123 1.17 11.77 2.17
C TRP A 123 0.90 10.27 1.98
N SER A 124 0.12 9.93 0.98
CA SER A 124 -0.24 8.54 0.71
C SER A 124 0.93 7.57 0.56
N MET A 125 2.04 8.02 -0.02
CA MET A 125 3.19 7.14 -0.17
C MET A 125 3.64 6.72 1.23
N TYR A 126 3.65 7.69 2.15
CA TYR A 126 4.05 7.46 3.54
C TYR A 126 3.04 6.64 4.32
N SER A 127 1.76 6.78 3.98
CA SER A 127 0.69 6.04 4.64
C SER A 127 0.83 4.58 4.22
N GLN A 128 1.00 4.38 2.91
CA GLN A 128 1.15 3.04 2.35
C GLN A 128 2.32 2.30 2.99
N HIS A 129 3.46 2.99 3.11
CA HIS A 129 4.63 2.37 3.67
C HIS A 129 4.48 2.05 5.14
N ALA A 130 3.66 2.83 5.83
CA ALA A 130 3.45 2.58 7.25
C ALA A 130 2.58 1.33 7.39
N CYS A 131 1.55 1.22 6.57
CA CYS A 131 0.67 0.05 6.62
C CYS A 131 1.48 -1.19 6.27
N LEU A 132 2.36 -1.04 5.30
CA LEU A 132 3.23 -2.12 4.87
C LEU A 132 4.10 -2.61 6.03
N ILE A 133 4.76 -1.68 6.72
CA ILE A 133 5.65 -1.99 7.84
C ILE A 133 4.95 -2.60 9.06
N GLU A 134 3.81 -2.05 9.43
CA GLU A 134 3.07 -2.55 10.58
C GLU A 134 2.55 -3.98 10.34
N GLY A 135 2.24 -4.29 9.09
CA GLY A 135 1.78 -5.63 8.74
C GLY A 135 0.46 -6.11 9.34
N LYS A 136 -0.49 -5.21 9.52
CA LYS A 136 -1.77 -5.61 10.08
C LYS A 136 -2.85 -5.59 8.98
N GLY A 137 -2.44 -5.83 7.74
CA GLY A 137 -3.36 -5.84 6.61
C GLY A 137 -4.22 -4.61 6.41
N GLU A 138 -3.85 -3.50 7.03
CA GLU A 138 -4.61 -2.27 6.93
C GLU A 138 -4.36 -1.48 5.64
N CYS A 139 -5.43 -1.02 5.03
CA CYS A 139 -5.32 -0.24 3.81
C CYS A 139 -4.90 1.16 4.26
N TRP A 140 -4.21 1.90 3.39
CA TRP A 140 -3.73 3.22 3.77
C TRP A 140 -4.80 4.30 3.91
N GLN A 141 -5.92 4.15 3.22
CA GLN A 141 -6.97 5.15 3.36
C GLN A 141 -7.49 5.06 4.80
N ASP A 142 -7.69 3.83 5.27
CA ASP A 142 -8.16 3.60 6.63
C ASP A 142 -7.20 4.13 7.68
N LYS A 143 -5.91 4.20 7.36
CA LYS A 143 -4.95 4.70 8.34
C LYS A 143 -5.04 6.21 8.42
N GLU A 144 -5.08 6.86 7.26
CA GLU A 144 -5.18 8.31 7.24
C GLU A 144 -6.46 8.68 7.96
N ARG A 145 -7.51 7.91 7.69
CA ARG A 145 -8.81 8.15 8.32
C ARG A 145 -8.69 8.15 9.83
N GLN A 146 -8.09 7.09 10.39
CA GLN A 146 -7.91 7.01 11.83
C GLN A 146 -7.07 8.18 12.36
N LEU A 147 -5.96 8.50 11.68
CA LEU A 147 -5.12 9.62 12.12
C LEU A 147 -5.91 10.94 12.12
N ARG A 148 -6.67 11.18 11.05
CA ARG A 148 -7.47 12.39 10.97
C ARG A 148 -8.45 12.49 12.14
N ALA A 149 -9.01 11.35 12.54
CA ALA A 149 -9.98 11.32 13.62
C ALA A 149 -9.40 11.57 15.00
N ARG A 150 -8.26 10.97 15.30
CA ARG A 150 -7.66 11.15 16.61
C ARG A 150 -6.94 12.48 16.84
N VAL A 151 -6.80 13.29 15.80
CA VAL A 151 -6.15 14.60 15.94
C VAL A 151 -7.24 15.65 16.20
N LYS A 152 -7.47 15.94 17.48
CA LYS A 152 -8.49 16.89 17.89
C LYS A 152 -8.15 18.37 17.64
N ARG A 153 -6.98 18.79 18.10
CA ARG A 153 -6.58 20.17 17.93
C ARG A 153 -5.19 20.43 17.37
N VAL A 154 -5.04 21.64 16.84
CA VAL A 154 -3.80 22.12 16.26
C VAL A 154 -3.53 23.46 16.95
N LEU A 155 -2.68 23.42 17.96
CA LEU A 155 -2.36 24.59 18.77
C LEU A 155 -0.97 25.21 18.54
N PRO A 156 -0.81 26.49 18.94
CA PRO A 156 0.48 27.17 18.79
C PRO A 156 1.35 26.72 19.96
N ILE A 157 2.66 26.80 19.77
CA ILE A 157 3.59 26.40 20.82
C ILE A 157 4.92 27.11 20.61
N ASP A 158 5.69 27.22 21.69
CA ASP A 158 6.99 27.87 21.66
C ASP A 158 7.82 27.10 22.66
N VAL A 159 8.57 26.11 22.19
CA VAL A 159 9.39 25.30 23.08
C VAL A 159 10.38 26.09 23.93
N HIS A 160 10.53 27.38 23.64
CA HIS A 160 11.46 28.21 24.41
C HIS A 160 10.84 28.81 25.68
N GLN A 161 9.52 28.80 25.77
CA GLN A 161 8.84 29.32 26.94
C GLN A 161 8.91 28.23 28.01
N PRO A 162 9.05 28.62 29.29
CA PRO A 162 9.13 27.66 30.40
C PRO A 162 7.90 26.76 30.42
N GLN A 163 6.79 27.30 29.90
CA GLN A 163 5.54 26.57 29.79
C GLN A 163 5.14 26.65 28.32
N PRO A 164 5.77 25.78 27.50
CA PRO A 164 5.62 25.60 26.05
C PRO A 164 4.27 25.92 25.42
N LEU A 165 3.20 25.36 26.00
CA LEU A 165 1.88 25.59 25.43
C LEU A 165 1.11 26.77 25.99
N GLY A 166 1.72 27.52 26.90
CA GLY A 166 1.06 28.69 27.47
C GLY A 166 0.46 28.49 28.86
N ALA A 167 -0.86 28.48 28.95
CA ALA A 167 -1.54 28.30 30.24
C ALA A 167 -2.92 27.64 30.12
N GLY A 168 -3.83 28.27 29.39
CA GLY A 168 -5.18 27.73 29.24
C GLY A 168 -5.32 26.62 28.22
N SER A 169 -4.22 26.26 27.57
CA SER A 169 -4.17 25.21 26.55
C SER A 169 -5.22 24.11 26.66
N PRO A 170 -5.95 23.85 25.56
CA PRO A 170 -6.98 22.81 25.53
C PRO A 170 -6.37 21.41 25.57
N ALA A 171 -5.05 21.35 25.47
CA ALA A 171 -4.31 20.09 25.47
C ALA A 171 -4.23 19.40 26.84
N PRO A 172 -4.73 18.17 26.93
CA PRO A 172 -4.74 17.36 28.16
C PRO A 172 -3.35 17.19 28.74
N LEU A 173 -3.11 17.81 29.88
CA LEU A 173 -1.81 17.69 30.53
C LEU A 173 -1.93 16.98 31.87
N PRO A 174 -0.94 16.15 32.22
CA PRO A 174 0.23 15.91 31.36
C PRO A 174 -0.26 15.05 30.20
N ALA A 175 0.67 14.68 29.31
CA ALA A 175 0.34 13.84 28.17
C ALA A 175 0.95 12.49 28.51
N ASP A 176 0.43 11.41 27.92
CA ASP A 176 0.96 10.08 28.20
C ASP A 176 2.19 9.83 27.32
N ALA A 177 2.34 10.64 26.26
CA ALA A 177 3.46 10.52 25.34
C ALA A 177 3.64 11.77 24.47
N LEU A 178 4.88 12.01 24.07
CA LEU A 178 5.23 13.15 23.22
C LEU A 178 6.04 12.70 22.00
N VAL A 179 5.72 13.29 20.85
CA VAL A 179 6.40 12.98 19.59
C VAL A 179 6.98 14.26 19.01
N SER A 180 8.29 14.28 18.78
CA SER A 180 8.90 15.47 18.18
C SER A 180 9.95 15.07 17.14
N ALA A 181 9.79 15.63 15.93
CA ALA A 181 10.70 15.35 14.83
C ALA A 181 11.22 16.60 14.15
N PHE A 182 12.53 16.76 14.14
CA PHE A 182 13.20 17.89 13.49
C PHE A 182 12.75 19.25 14.03
N CYS A 183 12.61 19.39 15.34
CA CYS A 183 12.18 20.67 15.88
C CYS A 183 13.19 21.35 16.80
N LEU A 184 13.41 20.76 17.96
CA LEU A 184 14.33 21.36 18.91
C LEU A 184 15.62 21.88 18.28
N GLU A 185 16.41 21.01 17.66
CA GLU A 185 17.67 21.45 17.06
C GLU A 185 17.48 22.52 15.99
N ALA A 186 16.34 22.47 15.30
CA ALA A 186 16.06 23.43 14.23
C ALA A 186 15.57 24.80 14.70
N VAL A 187 15.33 24.95 15.99
CA VAL A 187 14.85 26.23 16.50
C VAL A 187 15.67 26.79 17.64
N SER A 188 16.80 26.14 17.94
CA SER A 188 17.70 26.58 19.01
C SER A 188 19.03 27.07 18.44
N PRO A 189 19.57 28.17 18.99
CA PRO A 189 20.85 28.69 18.47
C PRO A 189 22.10 27.96 18.99
N ASP A 190 21.99 27.34 20.17
CA ASP A 190 23.12 26.62 20.75
C ASP A 190 22.68 25.42 21.56
N LEU A 191 23.64 24.57 21.94
CA LEU A 191 23.32 23.36 22.69
C LEU A 191 22.50 23.72 23.93
N ALA A 192 23.03 24.64 24.73
CA ALA A 192 22.35 25.07 25.95
C ALA A 192 20.89 25.41 25.69
N SER A 193 20.64 26.15 24.62
CA SER A 193 19.28 26.53 24.26
C SER A 193 18.45 25.29 23.93
N PHE A 194 19.09 24.32 23.30
CA PHE A 194 18.46 23.07 22.93
C PHE A 194 18.20 22.25 24.19
N GLN A 195 19.09 22.39 25.17
CA GLN A 195 18.98 21.66 26.43
C GLN A 195 17.79 22.13 27.29
N ARG A 196 17.50 23.42 27.26
CA ARG A 196 16.38 23.98 28.00
C ARG A 196 15.11 23.60 27.28
N ALA A 197 15.11 23.83 25.97
CA ALA A 197 13.97 23.54 25.12
C ALA A 197 13.46 22.13 25.38
N LEU A 198 14.38 21.20 25.63
CA LEU A 198 14.01 19.81 25.89
C LEU A 198 13.26 19.74 27.21
N ASP A 199 13.79 20.42 28.21
CA ASP A 199 13.20 20.45 29.55
C ASP A 199 11.81 21.07 29.52
N HIS A 200 11.67 22.17 28.78
CA HIS A 200 10.39 22.84 28.66
C HIS A 200 9.28 21.89 28.17
N ILE A 201 9.58 21.08 27.16
CA ILE A 201 8.55 20.16 26.68
C ILE A 201 8.47 18.95 27.60
N THR A 202 9.56 18.66 28.31
CA THR A 202 9.57 17.55 29.23
C THR A 202 8.60 17.81 30.39
N THR A 203 8.10 19.04 30.50
CA THR A 203 7.16 19.37 31.56
C THR A 203 5.75 18.97 31.17
N LEU A 204 5.56 18.67 29.89
CA LEU A 204 4.23 18.29 29.39
C LEU A 204 4.00 16.80 29.47
N LEU A 205 5.02 16.06 29.91
CA LEU A 205 4.93 14.61 30.01
C LEU A 205 4.89 14.11 31.46
N ARG A 206 4.07 13.09 31.72
CA ARG A 206 3.97 12.52 33.04
C ARG A 206 5.16 11.58 33.22
N PRO A 207 5.65 11.42 34.46
CA PRO A 207 6.79 10.50 34.59
C PRO A 207 6.33 9.14 34.08
N GLY A 208 7.26 8.26 33.78
CA GLY A 208 6.89 6.95 33.26
C GLY A 208 6.48 7.07 31.80
N GLY A 209 6.19 8.31 31.38
CA GLY A 209 5.78 8.59 30.01
C GLY A 209 6.89 8.36 28.99
N HIS A 210 6.52 8.46 27.71
CA HIS A 210 7.47 8.22 26.63
C HIS A 210 7.71 9.38 25.68
N LEU A 211 8.91 9.40 25.11
CA LEU A 211 9.29 10.45 24.17
C LEU A 211 9.92 9.85 22.92
N LEU A 212 9.26 10.09 21.78
CA LEU A 212 9.80 9.63 20.51
C LEU A 212 10.31 10.91 19.88
N LEU A 213 11.64 11.02 19.81
CA LEU A 213 12.29 12.21 19.26
C LEU A 213 13.15 11.90 18.04
N ILE A 214 12.87 12.61 16.94
CA ILE A 214 13.62 12.47 15.70
C ILE A 214 14.26 13.83 15.44
N GLY A 215 15.51 13.84 15.00
CA GLY A 215 16.17 15.11 14.73
C GLY A 215 17.33 15.01 13.77
N ALA A 216 17.91 16.17 13.45
CA ALA A 216 19.04 16.25 12.52
C ALA A 216 20.39 16.09 13.21
N LEU A 217 21.35 15.52 12.50
CA LEU A 217 22.67 15.33 13.08
C LEU A 217 23.73 16.16 12.35
N GLU A 218 24.40 17.01 13.12
CA GLU A 218 25.47 17.85 12.58
C GLU A 218 25.03 18.72 11.40
N GLU A 219 23.81 19.25 11.53
CA GLU A 219 23.24 20.13 10.52
C GLU A 219 23.31 21.55 11.07
N SER A 220 23.72 22.49 10.24
CA SER A 220 23.80 23.87 10.72
C SER A 220 22.86 24.81 9.97
N TRP A 221 22.19 24.33 8.93
CA TRP A 221 21.26 25.17 8.15
C TRP A 221 20.43 24.37 7.15
N TYR A 222 19.27 24.90 6.80
CA TYR A 222 18.40 24.28 5.82
C TYR A 222 17.54 25.37 5.20
N LEU A 223 17.06 25.14 3.98
CA LEU A 223 16.25 26.12 3.31
C LEU A 223 14.80 25.71 3.23
N ALA A 224 13.95 26.71 3.01
CA ALA A 224 12.52 26.49 2.91
C ALA A 224 11.96 27.66 2.10
N GLY A 225 12.14 27.60 0.79
CA GLY A 225 11.66 28.65 -0.08
C GLY A 225 12.54 29.88 0.04
N GLU A 226 12.00 30.94 0.61
CA GLU A 226 12.77 32.17 0.78
C GLU A 226 13.51 32.13 2.10
N ALA A 227 13.03 31.32 3.03
CA ALA A 227 13.67 31.21 4.34
C ALA A 227 14.99 30.44 4.27
N ARG A 228 15.90 30.78 5.18
CA ARG A 228 17.21 30.14 5.30
C ARG A 228 17.42 30.07 6.81
N LEU A 229 17.09 28.93 7.41
CA LEU A 229 17.20 28.76 8.86
C LEU A 229 18.55 28.27 9.39
N THR A 230 18.90 28.70 10.59
CA THR A 230 20.16 28.29 11.20
C THR A 230 19.89 27.21 12.23
N VAL A 231 20.51 26.05 12.04
CA VAL A 231 20.31 24.94 12.94
C VAL A 231 21.50 24.81 13.86
N VAL A 232 21.28 24.17 15.01
CA VAL A 232 22.37 23.95 15.96
C VAL A 232 22.81 22.51 15.71
N PRO A 233 24.06 22.34 15.28
CA PRO A 233 24.65 21.03 15.00
C PRO A 233 24.85 20.12 16.21
N VAL A 234 23.99 19.13 16.36
CA VAL A 234 24.10 18.20 17.47
C VAL A 234 24.58 16.81 17.05
N SER A 235 25.23 16.09 17.96
CA SER A 235 25.72 14.74 17.67
C SER A 235 24.94 13.74 18.52
N GLU A 236 24.90 12.48 18.08
CA GLU A 236 24.18 11.45 18.80
C GLU A 236 24.62 11.40 20.27
N GLU A 237 25.93 11.51 20.49
CA GLU A 237 26.45 11.49 21.85
C GLU A 237 25.88 12.67 22.65
N GLU A 238 25.77 13.85 22.02
CA GLU A 238 25.22 15.01 22.72
C GLU A 238 23.71 14.87 22.93
N VAL A 239 23.04 14.20 22.00
CA VAL A 239 21.60 14.01 22.15
C VAL A 239 21.37 13.04 23.30
N ARG A 240 22.16 11.97 23.35
CA ARG A 240 22.03 11.02 24.44
C ARG A 240 22.26 11.76 25.75
N GLU A 241 23.42 12.40 25.87
CA GLU A 241 23.79 13.14 27.08
C GLU A 241 22.74 14.16 27.55
N ALA A 242 22.00 14.76 26.62
CA ALA A 242 20.98 15.74 26.98
C ALA A 242 19.71 15.08 27.47
N LEU A 243 19.40 13.91 26.91
CA LEU A 243 18.20 13.19 27.34
C LEU A 243 18.43 12.74 28.78
N VAL A 244 19.62 12.17 29.03
CA VAL A 244 19.99 11.72 30.36
C VAL A 244 19.94 12.92 31.30
N ARG A 245 20.67 13.97 30.92
CA ARG A 245 20.72 15.20 31.71
C ARG A 245 19.37 15.95 31.73
N SER A 246 18.27 15.25 31.47
CA SER A 246 16.96 15.90 31.49
C SER A 246 15.90 15.05 32.20
N GLY A 247 16.32 13.90 32.71
CA GLY A 247 15.40 13.03 33.44
C GLY A 247 14.80 11.88 32.65
N TYR A 248 15.54 11.38 31.66
CA TYR A 248 15.06 10.29 30.82
C TYR A 248 16.00 9.08 30.87
N LYS A 249 15.46 7.91 30.56
CA LYS A 249 16.27 6.71 30.47
C LYS A 249 16.22 6.42 28.96
N VAL A 250 17.39 6.28 28.34
CA VAL A 250 17.44 6.01 26.92
C VAL A 250 17.09 4.57 26.63
N ARG A 251 15.88 4.36 26.09
CA ARG A 251 15.43 3.03 25.76
C ARG A 251 16.04 2.65 24.41
N ASP A 252 16.06 3.60 23.49
CA ASP A 252 16.66 3.35 22.18
C ASP A 252 17.22 4.64 21.61
N LEU A 253 18.31 4.51 20.85
CA LEU A 253 18.98 5.64 20.21
C LEU A 253 19.53 5.12 18.91
N ARG A 254 19.04 5.65 17.80
CA ARG A 254 19.51 5.19 16.49
C ARG A 254 20.00 6.30 15.60
N THR A 255 20.85 5.94 14.66
CA THR A 255 21.44 6.89 13.73
C THR A 255 21.33 6.43 12.28
N TYR A 256 20.89 7.35 11.43
CA TYR A 256 20.80 7.07 10.00
C TYR A 256 21.91 7.95 9.39
N ILE A 257 22.83 7.37 8.65
CA ILE A 257 23.87 8.21 8.05
C ILE A 257 23.42 8.61 6.65
N MET A 258 23.18 9.90 6.46
CA MET A 258 22.70 10.43 5.18
C MET A 258 23.59 10.04 3.98
N PRO A 259 23.03 9.30 3.00
CA PRO A 259 23.75 8.84 1.79
C PRO A 259 23.96 9.96 0.77
N ALA A 260 25.11 9.92 0.11
CA ALA A 260 25.47 10.91 -0.88
C ALA A 260 24.31 11.37 -1.78
N HIS A 261 23.51 10.43 -2.27
CA HIS A 261 22.43 10.79 -3.18
C HIS A 261 21.28 11.53 -2.53
N LEU A 262 21.30 11.60 -1.20
CA LEU A 262 20.24 12.32 -0.49
C LEU A 262 20.79 13.64 0.04
N GLN A 263 22.02 13.92 -0.35
CA GLN A 263 22.68 15.16 0.04
C GLN A 263 22.43 16.11 -1.12
N THR A 264 21.33 16.83 -1.05
CA THR A 264 21.01 17.76 -2.12
C THR A 264 21.43 19.16 -1.70
N GLY A 265 20.89 20.18 -2.34
CA GLY A 265 21.27 21.53 -1.96
C GLY A 265 20.41 22.17 -0.89
N VAL A 266 19.44 21.43 -0.34
CA VAL A 266 18.52 22.01 0.65
C VAL A 266 19.06 22.17 2.05
N ASP A 267 20.19 21.54 2.35
CA ASP A 267 20.75 21.67 3.69
C ASP A 267 22.12 21.03 3.74
N ASP A 268 22.66 20.83 4.94
CA ASP A 268 23.96 20.22 5.08
C ASP A 268 23.91 19.14 6.17
N VAL A 269 22.73 18.54 6.32
CA VAL A 269 22.52 17.50 7.32
C VAL A 269 23.45 16.31 7.06
N LYS A 270 24.03 15.74 8.11
CA LYS A 270 24.94 14.62 7.93
C LYS A 270 24.30 13.29 8.31
N GLY A 271 23.19 13.36 9.05
CA GLY A 271 22.50 12.16 9.49
C GLY A 271 21.21 12.48 10.20
N VAL A 272 20.48 11.46 10.62
CA VAL A 272 19.21 11.62 11.32
C VAL A 272 19.25 10.67 12.50
N PHE A 273 18.74 11.13 13.63
CA PHE A 273 18.73 10.30 14.83
C PHE A 273 17.31 10.06 15.33
N PHE A 274 17.13 8.91 15.97
CA PHE A 274 15.85 8.54 16.55
C PHE A 274 16.15 8.11 17.96
N ALA A 275 15.41 8.69 18.90
CA ALA A 275 15.60 8.33 20.29
C ALA A 275 14.28 7.95 20.92
N TRP A 276 14.31 6.86 21.67
CA TRP A 276 13.14 6.38 22.39
C TRP A 276 13.50 6.60 23.87
N ALA A 277 12.99 7.68 24.44
CA ALA A 277 13.28 8.01 25.83
C ALA A 277 12.07 7.95 26.74
N GLN A 278 12.30 7.44 27.95
CA GLN A 278 11.25 7.32 28.96
C GLN A 278 11.55 8.25 30.13
N LYS A 279 10.56 9.05 30.51
CA LYS A 279 10.73 9.98 31.62
C LYS A 279 10.65 9.19 32.92
N VAL A 280 11.75 9.11 33.65
CA VAL A 280 11.74 8.35 34.90
C VAL A 280 11.27 9.23 36.06
N SER B 16 -22.74 -27.96 -29.03
CA SER B 16 -21.73 -26.96 -28.55
C SER B 16 -21.65 -25.75 -29.48
N ALA B 17 -21.45 -26.02 -30.78
CA ALA B 17 -21.33 -24.99 -31.80
C ALA B 17 -22.35 -23.85 -31.65
N PRO B 18 -23.65 -24.16 -31.71
CA PRO B 18 -24.62 -23.05 -31.56
C PRO B 18 -24.46 -22.30 -30.24
N GLY B 19 -24.37 -23.02 -29.13
CA GLY B 19 -24.21 -22.38 -27.84
C GLY B 19 -22.97 -21.51 -27.85
N GLN B 20 -21.89 -22.04 -28.40
CA GLN B 20 -20.62 -21.32 -28.47
C GLN B 20 -20.75 -20.06 -29.33
N ALA B 21 -21.60 -20.12 -30.37
CA ALA B 21 -21.81 -18.96 -31.24
C ALA B 21 -22.58 -17.88 -30.48
N ALA B 22 -23.50 -18.30 -29.62
CA ALA B 22 -24.28 -17.35 -28.83
C ALA B 22 -23.33 -16.61 -27.88
N VAL B 23 -22.38 -17.36 -27.33
CA VAL B 23 -21.39 -16.80 -26.43
C VAL B 23 -20.55 -15.80 -27.23
N ALA B 24 -19.96 -16.26 -28.33
CA ALA B 24 -19.14 -15.41 -29.19
C ALA B 24 -19.87 -14.11 -29.57
N SER B 25 -21.14 -14.24 -29.98
CA SER B 25 -21.92 -13.07 -30.37
C SER B 25 -22.16 -12.13 -29.19
N ALA B 26 -22.48 -12.71 -28.04
CA ALA B 26 -22.74 -11.89 -26.85
C ALA B 26 -21.52 -11.07 -26.44
N TYR B 27 -20.33 -11.65 -26.58
CA TYR B 27 -19.10 -10.95 -26.19
C TYR B 27 -18.72 -9.80 -27.13
N GLN B 28 -19.25 -9.82 -28.35
CA GLN B 28 -18.94 -8.75 -29.29
C GLN B 28 -19.40 -7.41 -28.75
N ARG B 29 -20.28 -7.44 -27.76
CA ARG B 29 -20.77 -6.20 -27.15
C ARG B 29 -20.16 -5.98 -25.75
N PHE B 30 -19.16 -6.80 -25.41
CA PHE B 30 -18.46 -6.72 -24.13
C PHE B 30 -17.74 -5.38 -23.98
N GLU B 31 -18.08 -4.62 -22.94
CA GLU B 31 -17.46 -3.31 -22.71
C GLU B 31 -16.48 -3.29 -21.53
N PRO B 32 -15.17 -3.48 -21.82
CA PRO B 32 -14.10 -3.49 -20.82
C PRO B 32 -14.24 -2.47 -19.70
N ARG B 33 -14.33 -1.19 -20.05
CA ARG B 33 -14.44 -0.17 -19.03
C ARG B 33 -15.62 -0.43 -18.07
N ALA B 34 -16.74 -0.86 -18.62
CA ALA B 34 -17.93 -1.13 -17.83
C ALA B 34 -17.67 -2.31 -16.91
N TYR B 35 -17.07 -3.36 -17.49
CA TYR B 35 -16.73 -4.56 -16.74
C TYR B 35 -15.88 -4.14 -15.54
N LEU B 36 -14.72 -3.54 -15.83
CA LEU B 36 -13.79 -3.07 -14.79
C LEU B 36 -14.46 -2.26 -13.69
N ARG B 37 -15.35 -1.36 -14.09
CA ARG B 37 -16.07 -0.51 -13.14
C ARG B 37 -17.00 -1.32 -12.23
N ASN B 38 -17.57 -2.39 -12.77
CA ASN B 38 -18.50 -3.23 -12.03
C ASN B 38 -17.86 -4.19 -11.03
N ASN B 39 -16.77 -4.81 -11.47
CA ASN B 39 -16.08 -5.80 -10.66
C ASN B 39 -14.81 -5.34 -9.95
N TYR B 40 -14.14 -4.34 -10.49
CA TYR B 40 -12.91 -3.90 -9.87
C TYR B 40 -12.86 -2.48 -9.33
N ALA B 41 -14.03 -1.88 -9.17
CA ALA B 41 -14.12 -0.55 -8.60
C ALA B 41 -15.00 -0.72 -7.37
N PRO B 42 -14.89 0.17 -6.37
CA PRO B 42 -15.73 0.03 -5.18
C PRO B 42 -17.15 -0.16 -5.64
N PRO B 43 -17.96 -0.91 -4.86
CA PRO B 43 -17.65 -1.57 -3.59
C PRO B 43 -16.80 -2.84 -3.69
N ARG B 44 -16.93 -3.58 -4.79
CA ARG B 44 -16.15 -4.81 -4.95
C ARG B 44 -14.65 -4.53 -4.99
N GLY B 45 -14.27 -3.41 -5.62
CA GLY B 45 -12.86 -3.06 -5.72
C GLY B 45 -12.37 -2.25 -4.53
N ASP B 46 -13.03 -2.40 -3.40
CA ASP B 46 -12.62 -1.67 -2.20
C ASP B 46 -11.85 -2.63 -1.34
N LEU B 47 -10.54 -2.59 -1.45
CA LEU B 47 -9.66 -3.48 -0.72
C LEU B 47 -9.49 -3.13 0.76
N CYS B 48 -10.27 -2.17 1.25
CA CYS B 48 -10.16 -1.78 2.65
C CYS B 48 -10.88 -2.70 3.64
N ASN B 49 -12.02 -3.26 3.26
CA ASN B 49 -12.73 -4.21 4.13
C ASN B 49 -11.98 -5.55 4.00
N PRO B 50 -11.43 -6.06 5.10
CA PRO B 50 -10.69 -7.33 5.03
C PRO B 50 -11.55 -8.49 4.57
N ASN B 51 -12.87 -8.31 4.61
CA ASN B 51 -13.77 -9.38 4.22
C ASN B 51 -14.34 -9.29 2.83
N GLY B 52 -13.85 -8.32 2.06
CA GLY B 52 -14.32 -8.14 0.70
C GLY B 52 -13.75 -9.23 -0.19
N VAL B 53 -14.33 -9.37 -1.38
CA VAL B 53 -13.91 -10.38 -2.32
C VAL B 53 -12.50 -10.07 -2.87
N GLY B 54 -12.17 -8.79 -2.97
CA GLY B 54 -10.87 -8.40 -3.49
C GLY B 54 -9.74 -8.94 -2.63
N PRO B 55 -9.72 -8.51 -1.37
CA PRO B 55 -8.71 -8.93 -0.39
C PRO B 55 -8.56 -10.44 -0.36
N TRP B 56 -9.71 -11.11 -0.45
CA TRP B 56 -9.77 -12.58 -0.42
C TRP B 56 -9.07 -13.22 -1.62
N LYS B 57 -9.42 -12.77 -2.82
CA LYS B 57 -8.77 -13.32 -4.01
C LYS B 57 -7.27 -13.14 -3.90
N LEU B 58 -6.83 -11.92 -3.59
CA LEU B 58 -5.41 -11.62 -3.45
C LEU B 58 -4.71 -12.49 -2.40
N ARG B 59 -5.39 -12.74 -1.28
CA ARG B 59 -4.85 -13.59 -0.22
C ARG B 59 -4.65 -15.02 -0.73
N CYS B 60 -5.67 -15.57 -1.39
CA CYS B 60 -5.60 -16.91 -1.95
C CYS B 60 -4.36 -17.06 -2.82
N LEU B 61 -4.14 -16.05 -3.66
CA LEU B 61 -3.02 -16.06 -4.57
C LEU B 61 -1.67 -15.93 -3.86
N ALA B 62 -1.50 -14.85 -3.11
CA ALA B 62 -0.26 -14.61 -2.38
C ALA B 62 0.10 -15.83 -1.53
N GLN B 63 -0.87 -16.37 -0.80
CA GLN B 63 -0.63 -17.52 0.08
C GLN B 63 -0.20 -18.77 -0.66
N THR B 64 -0.77 -19.02 -1.82
CA THR B 64 -0.40 -20.19 -2.60
C THR B 64 1.06 -20.06 -3.08
N PHE B 65 1.41 -18.92 -3.63
CA PHE B 65 2.78 -18.74 -4.08
C PHE B 65 3.76 -18.78 -2.90
N ALA B 66 3.29 -18.27 -1.76
CA ALA B 66 4.10 -18.22 -0.55
C ALA B 66 4.58 -19.59 -0.10
N THR B 67 3.89 -20.66 -0.49
CA THR B 67 4.34 -21.98 -0.09
C THR B 67 5.63 -22.32 -0.85
N GLY B 68 5.89 -21.59 -1.93
CA GLY B 68 7.09 -21.85 -2.70
C GLY B 68 7.01 -23.09 -3.55
N GLU B 69 5.86 -23.75 -3.53
CA GLU B 69 5.67 -24.97 -4.32
C GLU B 69 5.27 -24.73 -5.76
N VAL B 70 4.92 -23.49 -6.09
CA VAL B 70 4.51 -23.17 -7.44
C VAL B 70 5.59 -22.31 -8.02
N SER B 71 6.46 -22.91 -8.81
CA SER B 71 7.58 -22.20 -9.38
C SER B 71 7.85 -22.60 -10.82
N GLY B 72 8.82 -21.93 -11.45
CA GLY B 72 9.15 -22.25 -12.82
C GLY B 72 9.59 -21.02 -13.57
N ARG B 73 9.46 -21.04 -14.89
CA ARG B 73 9.85 -19.92 -15.72
C ARG B 73 8.73 -19.34 -16.56
N THR B 74 7.90 -20.22 -17.12
CA THR B 74 6.80 -19.72 -17.94
C THR B 74 5.43 -19.92 -17.30
N LEU B 75 4.59 -18.92 -17.46
CA LEU B 75 3.23 -18.97 -16.96
C LEU B 75 2.28 -18.37 -18.01
N ILE B 76 1.12 -18.99 -18.15
CA ILE B 76 0.11 -18.52 -19.09
C ILE B 76 -1.16 -18.20 -18.33
N ASP B 77 -1.68 -17.01 -18.56
CA ASP B 77 -2.91 -16.58 -17.91
C ASP B 77 -4.03 -16.69 -18.94
N ILE B 78 -4.93 -17.63 -18.70
CA ILE B 78 -6.07 -17.91 -19.57
C ILE B 78 -7.25 -16.94 -19.36
N GLY B 79 -7.60 -16.21 -20.42
CA GLY B 79 -8.71 -15.28 -20.36
C GLY B 79 -8.45 -14.13 -19.40
N SER B 80 -7.33 -13.44 -19.59
CA SER B 80 -6.97 -12.32 -18.73
C SER B 80 -8.04 -11.24 -18.75
N GLY B 81 -8.56 -10.99 -19.96
CA GLY B 81 -9.56 -9.95 -20.10
C GLY B 81 -8.83 -8.63 -19.87
N PRO B 82 -9.50 -7.64 -19.29
CA PRO B 82 -8.81 -6.38 -19.07
C PRO B 82 -8.18 -6.31 -17.67
N THR B 83 -7.88 -7.46 -17.08
CA THR B 83 -7.31 -7.44 -15.71
C THR B 83 -5.89 -7.96 -15.54
N VAL B 84 -5.22 -7.50 -14.49
CA VAL B 84 -3.85 -7.90 -14.17
C VAL B 84 -3.68 -8.41 -12.73
N TYR B 85 -4.59 -8.00 -11.84
CA TYR B 85 -4.56 -8.38 -10.44
C TYR B 85 -4.30 -9.88 -10.23
N GLN B 86 -4.88 -10.70 -11.08
CA GLN B 86 -4.71 -12.13 -10.99
C GLN B 86 -3.24 -12.52 -11.12
N LEU B 87 -2.41 -11.55 -11.53
CA LEU B 87 -1.00 -11.86 -11.73
C LEU B 87 -0.06 -11.11 -10.81
N LEU B 88 -0.59 -10.33 -9.86
CA LEU B 88 0.28 -9.54 -9.00
C LEU B 88 1.26 -10.32 -8.12
N SER B 89 0.84 -11.45 -7.57
CA SER B 89 1.73 -12.24 -6.73
C SER B 89 2.55 -13.17 -7.63
N ALA B 90 1.93 -13.65 -8.70
CA ALA B 90 2.60 -14.57 -9.60
C ALA B 90 3.83 -14.00 -10.31
N CYS B 91 3.78 -12.74 -10.71
CA CYS B 91 4.89 -12.18 -11.46
C CYS B 91 6.24 -12.27 -10.79
N SER B 92 6.27 -12.29 -9.46
CA SER B 92 7.54 -12.36 -8.77
C SER B 92 8.08 -13.79 -8.72
N HIS B 93 7.41 -14.71 -9.42
CA HIS B 93 7.83 -16.11 -9.49
C HIS B 93 8.02 -16.63 -10.90
N PHE B 94 7.64 -15.84 -11.89
CA PHE B 94 7.77 -16.25 -13.29
C PHE B 94 8.35 -15.16 -14.18
N GLU B 95 9.52 -15.39 -14.77
CA GLU B 95 10.14 -14.37 -15.63
C GLU B 95 9.35 -14.16 -16.90
N ASP B 96 8.79 -15.24 -17.44
CA ASP B 96 8.04 -15.17 -18.68
C ASP B 96 6.55 -15.42 -18.47
N ILE B 97 5.75 -14.38 -18.67
CA ILE B 97 4.32 -14.47 -18.51
C ILE B 97 3.61 -14.19 -19.82
N THR B 98 2.68 -15.07 -20.17
CA THR B 98 1.91 -14.90 -21.40
C THR B 98 0.46 -14.57 -21.04
N MET B 99 0.00 -13.37 -21.40
CA MET B 99 -1.38 -12.99 -21.13
C MET B 99 -2.24 -13.29 -22.37
N THR B 100 -3.53 -13.55 -22.17
CA THR B 100 -4.40 -13.89 -23.29
C THR B 100 -5.85 -13.46 -23.10
N ASP B 101 -6.60 -13.46 -24.20
CA ASP B 101 -8.02 -13.14 -24.21
C ASP B 101 -8.59 -13.23 -25.62
N PHE B 102 -9.90 -13.51 -25.68
CA PHE B 102 -10.63 -13.67 -26.93
C PHE B 102 -10.80 -12.37 -27.71
N LEU B 103 -11.26 -11.35 -27.00
CA LEU B 103 -11.53 -10.03 -27.56
C LEU B 103 -10.31 -9.14 -27.77
N GLU B 104 -10.33 -8.38 -28.86
CA GLU B 104 -9.23 -7.48 -29.12
C GLU B 104 -9.33 -6.31 -28.17
N VAL B 105 -10.52 -5.78 -27.98
CA VAL B 105 -10.69 -4.63 -27.10
C VAL B 105 -10.08 -4.88 -25.73
N ASN B 106 -9.95 -6.15 -25.36
CA ASN B 106 -9.35 -6.49 -24.07
C ASN B 106 -7.84 -6.40 -24.16
N ARG B 107 -7.28 -6.97 -25.22
CA ARG B 107 -5.84 -6.95 -25.42
C ARG B 107 -5.37 -5.49 -25.51
N GLN B 108 -6.26 -4.59 -25.90
CA GLN B 108 -5.93 -3.17 -26.02
C GLN B 108 -5.98 -2.53 -24.64
N GLU B 109 -6.96 -2.93 -23.85
CA GLU B 109 -7.08 -2.42 -22.50
C GLU B 109 -5.81 -2.83 -21.73
N LEU B 110 -5.35 -4.06 -21.93
CA LEU B 110 -4.13 -4.55 -21.29
C LEU B 110 -2.96 -3.75 -21.87
N GLY B 111 -2.91 -3.66 -23.19
CA GLY B 111 -1.85 -2.92 -23.86
C GLY B 111 -1.75 -1.50 -23.33
N ARG B 112 -2.89 -0.89 -23.01
CA ARG B 112 -2.86 0.47 -22.49
C ARG B 112 -2.25 0.50 -21.10
N TRP B 113 -2.51 -0.53 -20.29
CA TRP B 113 -1.94 -0.57 -18.95
C TRP B 113 -0.44 -0.81 -19.06
N LEU B 114 -0.06 -1.68 -19.99
CA LEU B 114 1.33 -2.00 -20.23
C LEU B 114 2.13 -0.78 -20.64
N GLN B 115 1.47 0.19 -21.28
CA GLN B 115 2.14 1.42 -21.74
C GLN B 115 2.03 2.52 -20.72
N GLU B 116 1.51 2.20 -19.55
CA GLU B 116 1.37 3.18 -18.50
C GLU B 116 0.59 4.41 -18.95
N GLU B 117 -0.26 4.25 -19.97
CA GLU B 117 -1.09 5.33 -20.50
C GLU B 117 -1.94 5.92 -19.37
N PRO B 118 -2.29 7.21 -19.45
CA PRO B 118 -3.10 7.90 -18.43
C PRO B 118 -4.54 7.39 -18.31
N GLY B 119 -5.13 6.99 -19.44
CA GLY B 119 -6.49 6.51 -19.41
C GLY B 119 -6.71 5.04 -19.11
N ALA B 120 -5.65 4.35 -18.69
CA ALA B 120 -5.76 2.92 -18.38
C ALA B 120 -6.37 2.72 -17.00
N PHE B 121 -6.85 1.51 -16.73
CA PHE B 121 -7.42 1.26 -15.42
C PHE B 121 -6.30 1.40 -14.38
N ASN B 122 -6.62 1.92 -13.21
CA ASN B 122 -5.62 2.09 -12.17
C ASN B 122 -5.66 0.95 -11.14
N TRP B 123 -4.75 -0.01 -11.29
CA TRP B 123 -4.71 -1.16 -10.39
C TRP B 123 -3.93 -0.93 -9.12
N SER B 124 -3.37 0.27 -8.99
CA SER B 124 -2.57 0.64 -7.83
C SER B 124 -3.09 0.15 -6.49
N MET B 125 -4.42 0.13 -6.34
CA MET B 125 -5.05 -0.33 -5.09
C MET B 125 -4.83 -1.82 -4.90
N TYR B 126 -4.99 -2.60 -5.97
CA TYR B 126 -4.80 -4.04 -5.86
C TYR B 126 -3.32 -4.33 -5.61
N SER B 127 -2.46 -3.59 -6.32
CA SER B 127 -1.01 -3.71 -6.19
C SER B 127 -0.57 -3.41 -4.77
N GLN B 128 -1.08 -2.32 -4.20
CA GLN B 128 -0.72 -1.97 -2.82
C GLN B 128 -1.14 -3.10 -1.89
N HIS B 129 -2.28 -3.71 -2.17
CA HIS B 129 -2.71 -4.77 -1.28
C HIS B 129 -1.85 -6.02 -1.44
N ALA B 130 -1.48 -6.35 -2.67
CA ALA B 130 -0.63 -7.50 -2.92
C ALA B 130 0.65 -7.37 -2.10
N CYS B 131 1.32 -6.22 -2.22
CA CYS B 131 2.56 -5.98 -1.50
C CYS B 131 2.31 -6.11 0.00
N LEU B 132 1.22 -5.50 0.42
CA LEU B 132 0.80 -5.52 1.80
C LEU B 132 0.76 -6.93 2.38
N ILE B 133 0.14 -7.88 1.68
CA ILE B 133 0.04 -9.22 2.24
C ILE B 133 1.23 -10.13 1.99
N GLU B 134 2.02 -9.84 0.95
CA GLU B 134 3.19 -10.65 0.67
C GLU B 134 4.21 -10.39 1.78
N GLY B 135 4.20 -9.15 2.29
CA GLY B 135 5.09 -8.76 3.38
C GLY B 135 6.58 -8.71 3.17
N LYS B 136 7.01 -8.40 1.95
CA LYS B 136 8.43 -8.33 1.68
C LYS B 136 8.83 -6.86 1.64
N GLY B 137 7.98 -6.01 2.20
CA GLY B 137 8.26 -4.58 2.22
C GLY B 137 8.41 -3.95 0.84
N GLU B 138 7.80 -4.57 -0.17
CA GLU B 138 7.89 -4.04 -1.54
C GLU B 138 6.88 -2.91 -1.75
N CYS B 139 7.32 -1.85 -2.43
CA CYS B 139 6.45 -0.73 -2.72
C CYS B 139 5.64 -1.11 -3.96
N TRP B 140 4.39 -0.69 -4.02
CA TRP B 140 3.55 -1.08 -5.16
C TRP B 140 4.07 -0.73 -6.54
N GLN B 141 4.83 0.36 -6.67
CA GLN B 141 5.32 0.75 -7.99
C GLN B 141 6.36 -0.22 -8.55
N ASP B 142 7.15 -0.81 -7.66
CA ASP B 142 8.18 -1.76 -8.08
C ASP B 142 7.48 -3.01 -8.57
N LYS B 143 6.45 -3.40 -7.82
CA LYS B 143 5.63 -4.56 -8.14
C LYS B 143 5.00 -4.38 -9.53
N GLU B 144 4.40 -3.22 -9.78
CA GLU B 144 3.81 -3.02 -11.08
C GLU B 144 4.85 -3.03 -12.19
N ARG B 145 6.01 -2.44 -11.89
CA ARG B 145 7.11 -2.35 -12.83
C ARG B 145 7.59 -3.74 -13.16
N GLN B 146 7.60 -4.62 -12.17
CA GLN B 146 8.06 -5.97 -12.44
C GLN B 146 7.08 -6.72 -13.33
N LEU B 147 5.80 -6.66 -12.99
CA LEU B 147 4.78 -7.32 -13.79
C LEU B 147 4.83 -6.84 -15.23
N ARG B 148 4.99 -5.54 -15.45
CA ARG B 148 5.07 -5.04 -16.82
C ARG B 148 6.27 -5.61 -17.57
N ALA B 149 7.36 -5.88 -16.86
CA ALA B 149 8.54 -6.41 -17.53
C ALA B 149 8.39 -7.89 -17.84
N ARG B 150 7.64 -8.60 -17.00
CA ARG B 150 7.49 -10.03 -17.23
C ARG B 150 6.33 -10.45 -18.13
N VAL B 151 5.45 -9.52 -18.47
CA VAL B 151 4.39 -9.85 -19.42
C VAL B 151 5.16 -9.82 -20.74
N LYS B 152 5.39 -10.97 -21.34
CA LYS B 152 6.17 -11.07 -22.56
C LYS B 152 5.37 -11.01 -23.85
N ARG B 153 4.09 -11.37 -23.75
CA ARG B 153 3.23 -11.37 -24.91
C ARG B 153 1.75 -11.38 -24.50
N VAL B 154 0.90 -10.76 -25.32
CA VAL B 154 -0.53 -10.71 -25.06
C VAL B 154 -1.24 -11.27 -26.29
N LEU B 155 -1.51 -12.56 -26.24
CA LEU B 155 -2.13 -13.30 -27.34
C LEU B 155 -3.64 -13.50 -27.33
N PRO B 156 -4.20 -13.83 -28.50
CA PRO B 156 -5.64 -14.08 -28.61
C PRO B 156 -5.82 -15.56 -28.22
N ILE B 157 -6.99 -15.91 -27.70
CA ILE B 157 -7.23 -17.30 -27.32
C ILE B 157 -8.72 -17.68 -27.39
N ASP B 158 -8.96 -18.98 -27.57
CA ASP B 158 -10.32 -19.53 -27.62
C ASP B 158 -10.25 -20.88 -26.95
N VAL B 159 -10.69 -20.96 -25.70
CA VAL B 159 -10.61 -22.22 -24.98
C VAL B 159 -11.42 -23.39 -25.56
N HIS B 160 -12.47 -23.08 -26.31
CA HIS B 160 -13.30 -24.13 -26.89
C HIS B 160 -12.60 -24.87 -28.04
N GLN B 161 -11.41 -24.42 -28.41
CA GLN B 161 -10.65 -25.07 -29.48
C GLN B 161 -9.63 -26.05 -28.88
N PRO B 162 -9.31 -27.16 -29.59
CA PRO B 162 -8.35 -28.15 -29.09
C PRO B 162 -6.98 -27.54 -28.79
N GLN B 163 -6.64 -26.50 -29.55
CA GLN B 163 -5.40 -25.74 -29.39
C GLN B 163 -5.87 -24.30 -29.20
N PRO B 164 -6.18 -23.92 -27.94
CA PRO B 164 -6.66 -22.59 -27.57
C PRO B 164 -5.83 -21.41 -28.05
N LEU B 165 -4.52 -21.61 -28.15
CA LEU B 165 -3.63 -20.54 -28.57
C LEU B 165 -3.45 -20.51 -30.07
N GLY B 166 -3.70 -21.65 -30.71
CA GLY B 166 -3.53 -21.77 -32.14
C GLY B 166 -2.33 -22.66 -32.38
N ALA B 167 -2.05 -22.99 -33.63
CA ALA B 167 -0.91 -23.85 -33.95
C ALA B 167 0.39 -23.07 -34.04
N GLY B 168 1.48 -23.67 -33.58
CA GLY B 168 2.77 -23.01 -33.59
C GLY B 168 2.71 -21.63 -32.95
N SER B 169 2.21 -21.56 -31.72
CA SER B 169 2.09 -20.29 -31.01
C SER B 169 3.41 -19.90 -30.38
N PRO B 170 3.65 -18.58 -30.30
CA PRO B 170 4.88 -18.03 -29.71
C PRO B 170 5.01 -18.44 -28.26
N ALA B 171 3.87 -18.59 -27.60
CA ALA B 171 3.81 -18.98 -26.21
C ALA B 171 4.68 -20.20 -25.95
N PRO B 172 5.67 -20.06 -25.06
CA PRO B 172 6.58 -21.16 -24.71
C PRO B 172 5.77 -22.31 -24.15
N LEU B 173 5.77 -23.44 -24.84
CA LEU B 173 5.02 -24.59 -24.36
C LEU B 173 5.87 -25.83 -24.13
N PRO B 174 5.48 -26.67 -23.18
CA PRO B 174 4.29 -26.46 -22.35
C PRO B 174 4.61 -25.46 -21.24
N ALA B 175 3.62 -24.74 -20.75
CA ALA B 175 3.85 -23.76 -19.69
C ALA B 175 4.12 -24.42 -18.34
N ASP B 176 4.80 -23.70 -17.44
CA ASP B 176 5.09 -24.24 -16.11
C ASP B 176 3.91 -24.10 -15.16
N ALA B 177 3.08 -23.09 -15.39
CA ALA B 177 1.92 -22.85 -14.56
C ALA B 177 0.85 -22.11 -15.34
N LEU B 178 -0.39 -22.26 -14.91
CA LEU B 178 -1.50 -21.56 -15.54
C LEU B 178 -2.29 -20.83 -14.47
N VAL B 179 -2.74 -19.64 -14.81
CA VAL B 179 -3.57 -18.85 -13.91
C VAL B 179 -4.78 -18.58 -14.78
N SER B 180 -5.96 -18.54 -14.18
CA SER B 180 -7.18 -18.26 -14.92
C SER B 180 -8.28 -17.90 -13.94
N ALA B 181 -8.85 -16.72 -14.11
CA ALA B 181 -9.90 -16.27 -13.23
C ALA B 181 -11.13 -15.82 -14.01
N PHE B 182 -12.28 -16.33 -13.58
CA PHE B 182 -13.57 -16.03 -14.17
C PHE B 182 -13.64 -16.17 -15.67
N CYS B 183 -12.99 -17.20 -16.20
CA CYS B 183 -13.01 -17.39 -17.63
C CYS B 183 -13.91 -18.53 -18.05
N LEU B 184 -13.39 -19.75 -17.98
CA LEU B 184 -14.14 -20.93 -18.38
C LEU B 184 -15.66 -20.91 -18.15
N GLU B 185 -16.09 -20.87 -16.89
CA GLU B 185 -17.52 -20.89 -16.62
C GLU B 185 -18.28 -19.68 -17.17
N ALA B 186 -17.57 -18.66 -17.65
CA ALA B 186 -18.25 -17.47 -18.17
C ALA B 186 -18.28 -17.41 -19.68
N VAL B 187 -17.69 -18.41 -20.34
CA VAL B 187 -17.66 -18.42 -21.79
C VAL B 187 -18.19 -19.76 -22.28
N SER B 188 -18.69 -20.55 -21.34
CA SER B 188 -19.23 -21.86 -21.66
C SER B 188 -20.75 -21.94 -21.54
N PRO B 189 -21.41 -22.51 -22.56
CA PRO B 189 -22.86 -22.68 -22.65
C PRO B 189 -23.38 -23.68 -21.61
N ASP B 190 -22.88 -24.90 -21.70
CA ASP B 190 -23.26 -25.99 -20.80
C ASP B 190 -22.06 -26.46 -19.97
N LEU B 191 -22.33 -27.26 -18.93
CA LEU B 191 -21.27 -27.78 -18.08
C LEU B 191 -20.32 -28.70 -18.85
N ALA B 192 -20.84 -29.38 -19.85
CA ALA B 192 -20.01 -30.27 -20.64
C ALA B 192 -18.99 -29.45 -21.41
N SER B 193 -19.40 -28.22 -21.75
CA SER B 193 -18.56 -27.28 -22.48
C SER B 193 -17.42 -26.81 -21.58
N PHE B 194 -17.77 -26.53 -20.34
CA PHE B 194 -16.82 -26.10 -19.32
C PHE B 194 -15.70 -27.13 -19.24
N GLN B 195 -16.09 -28.39 -19.12
CA GLN B 195 -15.17 -29.52 -18.99
C GLN B 195 -14.23 -29.67 -20.18
N ARG B 196 -14.75 -29.54 -21.39
CA ARG B 196 -13.92 -29.70 -22.58
C ARG B 196 -12.94 -28.52 -22.65
N ALA B 197 -13.42 -27.35 -22.23
CA ALA B 197 -12.58 -26.15 -22.22
C ALA B 197 -11.40 -26.38 -21.28
N LEU B 198 -11.71 -26.87 -20.09
CA LEU B 198 -10.67 -27.14 -19.10
C LEU B 198 -9.64 -28.15 -19.60
N ASP B 199 -10.06 -29.04 -20.49
CA ASP B 199 -9.17 -30.05 -21.04
C ASP B 199 -8.23 -29.45 -22.08
N HIS B 200 -8.72 -28.44 -22.79
CA HIS B 200 -7.93 -27.78 -23.84
C HIS B 200 -6.77 -26.98 -23.25
N ILE B 201 -7.01 -26.27 -22.14
CA ILE B 201 -5.95 -25.49 -21.53
C ILE B 201 -4.98 -26.40 -20.77
N THR B 202 -5.52 -27.47 -20.20
CA THR B 202 -4.70 -28.44 -19.47
C THR B 202 -3.65 -28.95 -20.45
N THR B 203 -3.91 -28.73 -21.73
CA THR B 203 -3.02 -29.15 -22.78
C THR B 203 -1.73 -28.35 -22.80
N LEU B 204 -1.83 -27.10 -22.35
CA LEU B 204 -0.71 -26.17 -22.30
C LEU B 204 0.18 -26.36 -21.07
N LEU B 205 -0.39 -26.90 -20.00
CA LEU B 205 0.38 -27.10 -18.79
C LEU B 205 1.21 -28.39 -18.82
N ARG B 206 2.48 -28.28 -18.44
CA ARG B 206 3.36 -29.42 -18.40
C ARG B 206 2.93 -30.36 -17.29
N PRO B 207 3.31 -31.64 -17.38
CA PRO B 207 2.92 -32.58 -16.32
C PRO B 207 3.61 -32.12 -15.05
N GLY B 208 2.93 -32.20 -13.93
CA GLY B 208 3.52 -31.76 -12.68
C GLY B 208 3.26 -30.27 -12.47
N GLY B 209 2.90 -29.59 -13.55
CA GLY B 209 2.62 -28.16 -13.48
C GLY B 209 1.46 -27.77 -12.58
N HIS B 210 1.40 -26.48 -12.25
CA HIS B 210 0.34 -25.99 -11.38
C HIS B 210 -0.70 -25.12 -12.07
N LEU B 211 -1.95 -25.33 -11.67
CA LEU B 211 -3.08 -24.59 -12.19
C LEU B 211 -3.75 -23.86 -11.04
N LEU B 212 -3.87 -22.55 -11.15
CA LEU B 212 -4.53 -21.71 -10.14
C LEU B 212 -5.78 -21.17 -10.84
N LEU B 213 -6.94 -21.67 -10.42
CA LEU B 213 -8.18 -21.29 -11.03
C LEU B 213 -9.17 -20.59 -10.11
N ILE B 214 -9.62 -19.42 -10.54
CA ILE B 214 -10.59 -18.65 -9.79
C ILE B 214 -11.86 -18.60 -10.64
N GLY B 215 -13.02 -18.48 -10.00
CA GLY B 215 -14.24 -18.44 -10.75
C GLY B 215 -15.47 -18.09 -9.94
N ALA B 216 -16.58 -17.99 -10.65
CA ALA B 216 -17.85 -17.66 -10.03
C ALA B 216 -18.60 -18.94 -9.80
N LEU B 217 -19.37 -18.96 -8.70
CA LEU B 217 -20.15 -20.13 -8.34
C LEU B 217 -21.64 -19.86 -8.43
N GLU B 218 -22.34 -20.76 -9.13
CA GLU B 218 -23.79 -20.68 -9.31
C GLU B 218 -24.24 -19.31 -9.75
N GLU B 219 -23.67 -18.87 -10.88
CA GLU B 219 -23.99 -17.60 -11.49
C GLU B 219 -24.58 -17.89 -12.88
N SER B 220 -25.50 -17.04 -13.33
CA SER B 220 -26.11 -17.23 -14.66
C SER B 220 -25.90 -16.05 -15.63
N TRP B 221 -25.64 -14.87 -15.08
CA TRP B 221 -25.42 -13.69 -15.93
C TRP B 221 -24.63 -12.57 -15.25
N TYR B 222 -24.01 -11.74 -16.06
CA TYR B 222 -23.26 -10.59 -15.58
C TYR B 222 -23.23 -9.54 -16.69
N LEU B 223 -23.22 -8.27 -16.29
CA LEU B 223 -23.21 -7.16 -17.23
C LEU B 223 -21.86 -6.54 -17.55
N ALA B 224 -21.56 -6.45 -18.85
CA ALA B 224 -20.34 -5.81 -19.35
C ALA B 224 -20.83 -4.50 -19.97
N GLY B 225 -21.54 -3.71 -19.16
CA GLY B 225 -22.08 -2.44 -19.62
C GLY B 225 -23.44 -2.66 -20.29
N GLU B 226 -23.44 -2.68 -21.62
CA GLU B 226 -24.67 -2.91 -22.38
C GLU B 226 -24.86 -4.42 -22.50
N ALA B 227 -23.82 -5.09 -23.01
CA ALA B 227 -23.87 -6.53 -23.17
C ALA B 227 -24.20 -7.23 -21.85
N ARG B 228 -25.15 -8.16 -21.91
CA ARG B 228 -25.56 -8.95 -20.75
C ARG B 228 -25.27 -10.37 -21.13
N LEU B 229 -24.23 -10.95 -20.53
CA LEU B 229 -23.85 -12.30 -20.90
C LEU B 229 -24.29 -13.48 -20.07
N THR B 230 -24.42 -14.60 -20.77
CA THR B 230 -24.86 -15.85 -20.21
C THR B 230 -23.72 -16.64 -19.57
N VAL B 231 -23.99 -17.13 -18.36
CA VAL B 231 -23.01 -17.90 -17.60
C VAL B 231 -23.61 -19.24 -17.19
N VAL B 232 -22.80 -20.31 -17.30
CA VAL B 232 -23.23 -21.64 -16.89
C VAL B 232 -22.97 -21.75 -15.40
N PRO B 233 -24.02 -21.97 -14.59
CA PRO B 233 -23.75 -22.07 -13.16
C PRO B 233 -22.97 -23.34 -12.89
N VAL B 234 -21.96 -23.24 -12.03
CA VAL B 234 -21.18 -24.40 -11.65
C VAL B 234 -21.09 -24.38 -10.14
N SER B 235 -20.86 -25.55 -9.55
CA SER B 235 -20.77 -25.67 -8.10
C SER B 235 -19.37 -26.06 -7.67
N GLU B 236 -19.08 -25.88 -6.39
CA GLU B 236 -17.79 -26.25 -5.87
C GLU B 236 -17.56 -27.71 -6.23
N GLU B 237 -18.54 -28.57 -5.92
CA GLU B 237 -18.46 -30.00 -6.22
C GLU B 237 -18.23 -30.27 -7.71
N GLU B 238 -18.89 -29.48 -8.55
CA GLU B 238 -18.70 -29.67 -9.98
C GLU B 238 -17.30 -29.21 -10.44
N VAL B 239 -16.76 -28.20 -9.78
CA VAL B 239 -15.42 -27.74 -10.15
C VAL B 239 -14.41 -28.79 -9.73
N ARG B 240 -14.57 -29.33 -8.52
CA ARG B 240 -13.64 -30.35 -8.05
C ARG B 240 -13.75 -31.55 -8.97
N GLU B 241 -15.00 -31.91 -9.29
CA GLU B 241 -15.22 -33.05 -10.17
C GLU B 241 -14.50 -32.83 -11.50
N ALA B 242 -14.73 -31.67 -12.12
CA ALA B 242 -14.09 -31.34 -13.39
C ALA B 242 -12.56 -31.34 -13.31
N LEU B 243 -11.98 -30.80 -12.25
CA LEU B 243 -10.52 -30.80 -12.16
C LEU B 243 -9.97 -32.21 -12.13
N VAL B 244 -10.47 -33.05 -11.22
CA VAL B 244 -10.02 -34.44 -11.14
C VAL B 244 -10.30 -35.18 -12.45
N ARG B 245 -11.35 -34.74 -13.13
CA ARG B 245 -11.76 -35.31 -14.41
C ARG B 245 -10.72 -35.00 -15.48
N SER B 246 -10.04 -33.86 -15.35
CA SER B 246 -9.04 -33.45 -16.33
C SER B 246 -7.60 -33.84 -16.02
N GLY B 247 -7.40 -34.61 -14.96
CA GLY B 247 -6.06 -35.07 -14.64
C GLY B 247 -5.29 -34.32 -13.58
N TYR B 248 -6.00 -33.68 -12.66
CA TYR B 248 -5.38 -32.89 -11.60
C TYR B 248 -5.59 -33.49 -10.22
N LYS B 249 -4.68 -33.18 -9.30
CA LYS B 249 -4.85 -33.57 -7.93
C LYS B 249 -5.16 -32.21 -7.29
N VAL B 250 -6.29 -32.08 -6.62
CA VAL B 250 -6.63 -30.81 -6.00
C VAL B 250 -5.79 -30.64 -4.74
N ARG B 251 -5.05 -29.54 -4.65
CA ARG B 251 -4.20 -29.25 -3.49
C ARG B 251 -4.91 -28.35 -2.50
N ASP B 252 -5.77 -27.48 -3.01
CA ASP B 252 -6.50 -26.56 -2.15
C ASP B 252 -7.70 -26.05 -2.93
N LEU B 253 -8.84 -25.89 -2.24
CA LEU B 253 -10.06 -25.40 -2.86
C LEU B 253 -10.86 -24.62 -1.82
N ARG B 254 -10.82 -23.30 -1.95
CA ARG B 254 -11.50 -22.44 -1.00
C ARG B 254 -12.69 -21.78 -1.66
N THR B 255 -13.69 -21.47 -0.85
CA THR B 255 -14.91 -20.85 -1.32
C THR B 255 -15.18 -19.55 -0.60
N TYR B 256 -15.63 -18.56 -1.35
CA TYR B 256 -15.98 -17.26 -0.81
C TYR B 256 -17.47 -17.06 -1.10
N ILE B 257 -18.26 -16.78 -0.06
CA ILE B 257 -19.69 -16.57 -0.28
C ILE B 257 -19.91 -15.07 -0.41
N MET B 258 -20.43 -14.67 -1.56
CA MET B 258 -20.67 -13.25 -1.81
C MET B 258 -21.66 -12.65 -0.82
N PRO B 259 -21.19 -11.70 0.02
CA PRO B 259 -22.09 -11.08 1.01
C PRO B 259 -23.17 -10.25 0.32
N ALA B 260 -24.10 -9.72 1.09
CA ALA B 260 -25.20 -8.92 0.52
C ALA B 260 -24.74 -7.61 -0.12
N HIS B 261 -23.98 -6.81 0.62
CA HIS B 261 -23.53 -5.52 0.10
C HIS B 261 -22.74 -5.55 -1.22
N LEU B 262 -22.19 -6.70 -1.59
CA LEU B 262 -21.44 -6.78 -2.85
C LEU B 262 -22.28 -7.40 -3.96
N GLN B 263 -23.58 -7.45 -3.73
CA GLN B 263 -24.53 -8.03 -4.67
C GLN B 263 -24.94 -7.04 -5.78
N THR B 264 -24.56 -5.78 -5.59
CA THR B 264 -24.77 -4.65 -6.50
C THR B 264 -25.73 -4.69 -7.71
N GLY B 265 -25.84 -5.82 -8.40
CA GLY B 265 -26.75 -5.88 -9.52
C GLY B 265 -26.09 -6.03 -10.86
N VAL B 266 -24.77 -6.21 -10.87
CA VAL B 266 -24.04 -6.38 -12.12
C VAL B 266 -24.07 -7.85 -12.56
N ASP B 267 -24.49 -8.71 -11.64
CA ASP B 267 -24.59 -10.15 -11.90
C ASP B 267 -25.44 -10.79 -10.81
N ASP B 268 -25.39 -12.11 -10.69
CA ASP B 268 -26.14 -12.81 -9.65
C ASP B 268 -25.30 -13.83 -8.88
N VAL B 269 -23.97 -13.71 -8.95
CA VAL B 269 -23.09 -14.66 -8.26
C VAL B 269 -23.49 -14.99 -6.85
N LYS B 270 -23.37 -16.26 -6.52
CA LYS B 270 -23.67 -16.69 -5.17
C LYS B 270 -22.34 -16.78 -4.42
N GLY B 271 -21.29 -17.14 -5.15
CA GLY B 271 -19.97 -17.23 -4.54
C GLY B 271 -18.78 -17.27 -5.49
N VAL B 272 -17.59 -17.19 -4.93
CA VAL B 272 -16.36 -17.25 -5.72
C VAL B 272 -15.50 -18.40 -5.20
N PHE B 273 -14.93 -19.20 -6.12
CA PHE B 273 -14.09 -20.32 -5.72
C PHE B 273 -12.67 -20.15 -6.23
N PHE B 274 -11.73 -20.67 -5.45
CA PHE B 274 -10.31 -20.64 -5.79
C PHE B 274 -9.81 -22.05 -5.64
N ALA B 275 -9.20 -22.56 -6.69
CA ALA B 275 -8.69 -23.91 -6.64
C ALA B 275 -7.23 -23.91 -7.03
N TRP B 276 -6.45 -24.67 -6.25
CA TRP B 276 -5.04 -24.85 -6.53
C TRP B 276 -5.02 -26.31 -6.91
N ALA B 277 -4.67 -26.57 -8.15
CA ALA B 277 -4.68 -27.94 -8.65
C ALA B 277 -3.40 -28.22 -9.40
N GLN B 278 -2.86 -29.42 -9.20
CA GLN B 278 -1.62 -29.81 -9.85
C GLN B 278 -1.86 -30.87 -10.93
N LYS B 279 -1.18 -30.72 -12.06
CA LYS B 279 -1.33 -31.68 -13.14
C LYS B 279 -0.50 -32.94 -12.88
N VAL B 280 -1.15 -34.09 -13.03
CA VAL B 280 -0.52 -35.38 -12.79
C VAL B 280 0.11 -35.95 -14.06
N SAM C . 8.02 18.15 12.19
CA SAM C . 8.22 18.35 10.75
C SAM C . 9.04 17.22 10.10
O SAM C . 9.13 16.13 10.72
OXT SAM C . 9.53 17.41 8.98
CB SAM C . 8.85 19.75 10.50
CG SAM C . 10.09 20.12 11.32
SD SAM C . 10.73 21.83 10.95
CE SAM C . 12.34 21.76 10.25
C5' SAM C . 10.79 22.89 12.50
C4' SAM C . 9.45 23.41 12.98
O4' SAM C . 9.55 24.13 14.24
C3' SAM C . 8.79 24.37 11.98
O3' SAM C . 7.48 23.91 11.65
C2' SAM C . 8.77 25.71 12.73
O2' SAM C . 7.66 26.52 12.42
C1' SAM C . 8.70 25.25 14.18
N9 SAM C . 9.15 26.25 15.16
C8 SAM C . 9.75 27.52 14.93
N7 SAM C . 10.00 28.19 16.03
C5 SAM C . 9.56 27.34 17.03
C6 SAM C . 9.56 27.54 18.43
N6 SAM C . 10.02 28.64 19.02
N1 SAM C . 9.05 26.54 19.21
C2 SAM C . 8.58 25.42 18.59
N3 SAM C . 8.53 25.13 17.27
C4 SAM C . 9.03 26.15 16.54
C1 HNT D . 14.17 18.75 8.31
C2 HNT D . 15.46 19.22 8.97
O2 HNT D . 16.32 13.39 5.32
C4 HNT D . 16.95 17.86 7.59
C5 HNT D . 15.91 15.79 6.63
C6 HNT D . 14.83 14.97 6.34
C7 HNT D . 13.54 15.37 6.68
C8 HNT D . 13.35 16.60 7.32
O22 HNT D . 16.35 20.84 10.53
C22 HNT D . 15.28 20.59 9.62
C8A HNT D . 14.43 17.42 7.62
N1 HNT D . 15.02 13.83 5.67
O3 HNT D . 13.90 13.03 5.29
C4A HNT D . 15.73 17.01 7.28
N41 HNT D . 16.56 19.23 7.98
C1 HNT E . 21.87 2.57 22.63
C2 HNT E . 21.62 3.80 23.49
O2 HNT E . 17.34 -1.46 24.95
C4 HNT E . 20.21 2.68 25.13
C5 HNT E . 19.16 0.51 24.40
C6 HNT E . 18.99 -0.54 23.50
C7 HNT E . 19.74 -0.57 22.33
C8 HNT E . 20.66 0.44 22.07
O22 HNT E . 22.88 5.21 21.98
C22 HNT E . 22.76 4.82 23.34
C8A HNT E . 20.84 1.49 22.96
N1 HNT E . 18.10 -1.49 23.76
O3 HNT E . 17.91 -2.55 22.83
C4A HNT E . 20.09 1.53 24.13
N41 HNT E . 21.47 3.40 24.90
P PO4 F . 6.60 -28.27 -9.11
O1 PO4 F . 5.78 -28.79 -7.98
O2 PO4 F . 7.97 -28.85 -9.02
O3 PO4 F . 6.70 -26.79 -9.00
O4 PO4 F . 5.98 -28.64 -10.40
N SAM G . -9.87 -12.71 -16.24
CA SAM G . -10.53 -11.48 -15.84
C SAM G . -10.81 -11.44 -14.35
O SAM G . -10.27 -12.28 -13.64
OXT SAM G . -11.53 -10.54 -13.90
CB SAM G . -11.82 -11.26 -16.71
CG SAM G . -12.92 -12.35 -16.70
SD SAM G . -14.31 -12.02 -17.94
CE SAM G . -15.89 -11.88 -17.12
C5' SAM G . -14.42 -13.36 -19.19
C4' SAM G . -13.31 -13.22 -20.20
O4' SAM G . -13.26 -14.34 -21.12
C3' SAM G . -13.43 -11.95 -21.03
O3' SAM G . -12.23 -11.19 -20.91
C2' SAM G . -13.67 -12.46 -22.44
O2' SAM G . -13.06 -11.65 -23.44
C1' SAM G . -13.00 -13.83 -22.41
N9 SAM G . -13.51 -14.79 -23.39
C8 SAM G . -14.72 -14.75 -24.14
N7 SAM G . -14.85 -15.77 -24.96
C5 SAM G . -13.69 -16.51 -24.74
C6 SAM G . -13.27 -17.72 -25.35
N6 SAM G . -13.98 -18.38 -26.26
N1 SAM G . -12.08 -18.23 -24.95
C2 SAM G . -11.37 -17.56 -24.01
N3 SAM G . -11.67 -16.41 -23.36
C4 SAM G . -12.87 -15.93 -23.79
C1 HNT H . -16.64 -12.05 -13.05
C2 HNT H . -17.78 -13.06 -13.12
O2 HNT H . -16.85 -10.15 -6.83
C4 HNT H . -18.74 -12.45 -10.93
C5 HNT H . -17.20 -11.24 -9.35
C6 HNT H . -16.02 -10.59 -9.03
C7 HNT H . -15.02 -10.45 -10.00
C8 HNT H . -15.24 -10.95 -11.28
O22 HNT H . -18.13 -14.79 -14.76
C22 HNT H . -18.10 -13.37 -14.57
C8A HNT H . -16.43 -11.58 -11.61
N1 HNT H . -15.84 -10.04 -7.83
O3 HNT H . -14.66 -9.31 -7.57
C4A HNT H . -17.42 -11.74 -10.63
N41 HNT H . -18.96 -12.55 -12.39
#